data_2AKP
#
_entry.id   2AKP
#
_cell.length_a   90.500
_cell.length_b   52.950
_cell.length_c   84.240
_cell.angle_alpha   90.00
_cell.angle_beta   122.05
_cell.angle_gamma   90.00
#
_symmetry.space_group_name_H-M   'C 1 2 1'
#
loop_
_entity.id
_entity.type
_entity.pdbx_description
1 polymer 'ATP-dependent molecular chaperone HSP82'
2 water water
#
_entity_poly.entity_id   1
_entity_poly.type   'polypeptide(L)'
_entity_poly.pdbx_seq_one_letter_code
;SNKEIFLRELISNASDALDKIRYKSLSDPKQLETEPDLFIRITPKPEQKVLEIRDSGIGMTKAELINNLGTIAKSGTKAF
MEALSAGADVSMIGQFGVGFYSLFLVADRVQVISKSNDDEQYIWESNAGGSFTVTLDEVNERIGRGTILRLFLKDDQLEY
LEEKRIKEVIKRHSEFVAYPIQLVVT
;
_entity_poly.pdbx_strand_id   A,B
#
# COMPACT_ATOMS: atom_id res chain seq x y z
N LYS A 3 5.97 -21.63 -20.90
CA LYS A 3 4.78 -20.97 -20.29
C LYS A 3 5.08 -20.59 -18.83
N GLU A 4 4.17 -20.87 -17.90
CA GLU A 4 4.49 -20.56 -16.52
C GLU A 4 5.49 -21.62 -16.08
N ILE A 5 5.32 -22.84 -16.58
CA ILE A 5 6.24 -23.91 -16.23
C ILE A 5 7.64 -23.64 -16.78
N PHE A 6 7.72 -22.99 -17.95
CA PHE A 6 9.02 -22.69 -18.56
C PHE A 6 9.74 -21.63 -17.73
N LEU A 7 9.00 -20.61 -17.32
CA LEU A 7 9.55 -19.53 -16.51
C LEU A 7 10.07 -20.10 -15.18
N ARG A 8 9.29 -21.01 -14.61
CA ARG A 8 9.63 -21.66 -13.37
C ARG A 8 10.93 -22.46 -13.55
N GLU A 9 11.02 -23.17 -14.67
CA GLU A 9 12.20 -23.97 -14.98
C GLU A 9 13.45 -23.11 -15.15
N LEU A 10 13.29 -21.98 -15.84
CA LEU A 10 14.42 -21.06 -16.05
C LEU A 10 14.98 -20.60 -14.70
N ILE A 11 14.08 -20.28 -13.77
CA ILE A 11 14.51 -19.86 -12.44
C ILE A 11 15.21 -21.00 -11.69
N SER A 12 14.61 -22.19 -11.70
CA SER A 12 15.21 -23.33 -11.03
C SER A 12 16.56 -23.63 -11.67
N ASN A 13 16.63 -23.45 -12.98
CA ASN A 13 17.88 -23.68 -13.69
C ASN A 13 18.92 -22.65 -13.27
N ALA A 14 18.50 -21.40 -13.12
CA ALA A 14 19.41 -20.36 -12.69
C ALA A 14 19.93 -20.66 -11.29
N SER A 15 19.06 -21.18 -10.43
CA SER A 15 19.50 -21.47 -9.09
C SER A 15 20.63 -22.50 -9.04
N ASP A 16 20.75 -23.35 -10.07
CA ASP A 16 21.82 -24.36 -10.05
C ASP A 16 23.19 -23.70 -10.06
N ALA A 17 23.30 -22.62 -10.81
CA ALA A 17 24.56 -21.91 -10.89
C ALA A 17 24.90 -21.31 -9.51
N LEU A 18 23.87 -20.94 -8.74
CA LEU A 18 24.09 -20.38 -7.40
C LEU A 18 24.56 -21.49 -6.45
N ASP A 19 23.96 -22.68 -6.58
CA ASP A 19 24.37 -23.83 -5.78
C ASP A 19 25.82 -24.19 -6.07
N LYS A 20 26.23 -24.08 -7.33
CA LYS A 20 27.60 -24.44 -7.71
C LYS A 20 28.62 -23.46 -7.14
N ILE A 21 28.33 -22.16 -7.13
CA ILE A 21 29.30 -21.22 -6.60
C ILE A 21 29.39 -21.42 -5.08
N ARG A 22 28.26 -21.76 -4.46
CA ARG A 22 28.28 -22.00 -3.02
C ARG A 22 29.13 -23.24 -2.73
N TYR A 23 29.09 -24.21 -3.66
CA TYR A 23 29.90 -25.41 -3.52
C TYR A 23 31.38 -25.10 -3.52
N LYS A 24 31.83 -24.32 -4.51
CA LYS A 24 33.24 -23.97 -4.60
C LYS A 24 33.64 -23.20 -3.34
N SER A 25 32.66 -22.48 -2.80
CA SER A 25 32.80 -21.66 -1.62
C SER A 25 33.25 -22.45 -0.39
N LEU A 26 32.86 -23.72 -0.33
CA LEU A 26 33.21 -24.59 0.79
C LEU A 26 34.73 -24.86 0.78
N SER A 27 35.35 -24.84 -0.40
CA SER A 27 36.78 -25.05 -0.49
C SER A 27 37.54 -23.73 -0.44
N ASP A 28 36.99 -22.68 -1.04
CA ASP A 28 37.64 -21.39 -1.06
C ASP A 28 36.58 -20.29 -0.87
N PRO A 29 36.49 -19.70 0.34
CA PRO A 29 35.49 -18.65 0.59
C PRO A 29 35.60 -17.46 -0.37
N LYS A 30 36.82 -17.19 -0.81
CA LYS A 30 37.12 -16.10 -1.74
C LYS A 30 36.24 -16.13 -2.99
N GLN A 31 35.91 -17.35 -3.42
CA GLN A 31 35.11 -17.53 -4.62
C GLN A 31 33.77 -16.80 -4.51
N LEU A 32 33.17 -16.80 -3.32
CA LEU A 32 31.89 -16.14 -3.14
C LEU A 32 32.03 -14.63 -2.99
N GLU A 33 33.12 -14.23 -2.37
CA GLU A 33 33.44 -12.82 -2.07
C GLU A 33 33.45 -11.82 -3.22
N THR A 34 33.66 -12.30 -4.44
CA THR A 34 33.69 -11.42 -5.59
C THR A 34 32.29 -10.83 -5.88
N GLU A 35 31.27 -11.52 -5.42
CA GLU A 35 29.87 -11.09 -5.59
C GLU A 35 29.15 -11.84 -4.49
N PRO A 36 29.10 -11.25 -3.30
CA PRO A 36 28.46 -11.81 -2.11
C PRO A 36 26.94 -11.80 -2.20
N ASP A 37 26.40 -11.06 -3.16
CA ASP A 37 24.94 -10.98 -3.29
C ASP A 37 24.45 -12.14 -4.18
N LEU A 38 23.74 -13.12 -3.60
CA LEU A 38 23.26 -14.30 -4.36
C LEU A 38 21.79 -14.08 -4.74
N PHE A 39 21.53 -14.00 -6.05
CA PHE A 39 20.18 -13.67 -6.50
C PHE A 39 19.89 -14.13 -7.91
N ILE A 40 18.60 -14.09 -8.26
CA ILE A 40 18.13 -14.42 -9.59
C ILE A 40 17.30 -13.18 -9.91
N ARG A 41 17.49 -12.60 -11.09
CA ARG A 41 16.80 -11.35 -11.44
C ARG A 41 16.30 -11.45 -12.88
N ILE A 42 15.02 -11.20 -13.06
CA ILE A 42 14.41 -11.29 -14.36
C ILE A 42 14.14 -9.89 -14.84
N THR A 43 14.47 -9.61 -16.10
CA THR A 43 14.25 -8.28 -16.68
C THR A 43 13.61 -8.32 -18.07
N PRO A 44 12.28 -8.12 -18.16
CA PRO A 44 11.65 -8.14 -19.48
C PRO A 44 12.04 -6.86 -20.20
N LYS A 45 12.32 -6.95 -21.49
CA LYS A 45 12.68 -5.77 -22.27
C LYS A 45 11.83 -5.86 -23.55
N PRO A 46 10.54 -5.50 -23.43
CA PRO A 46 9.60 -5.56 -24.56
C PRO A 46 9.96 -4.79 -25.83
N GLU A 47 10.64 -3.67 -25.69
CA GLU A 47 11.02 -2.85 -26.83
C GLU A 47 12.01 -3.62 -27.72
N GLN A 48 12.69 -4.58 -27.12
CA GLN A 48 13.70 -5.37 -27.80
C GLN A 48 13.19 -6.80 -27.99
N LYS A 49 12.01 -7.09 -27.42
CA LYS A 49 11.43 -8.41 -27.46
C LYS A 49 12.45 -9.37 -26.83
N VAL A 50 13.00 -8.93 -25.70
CA VAL A 50 14.01 -9.73 -25.00
C VAL A 50 13.61 -10.08 -23.56
N LEU A 51 13.77 -11.33 -23.15
CA LEU A 51 13.51 -11.68 -21.75
C LEU A 51 14.92 -11.96 -21.23
N GLU A 52 15.31 -11.32 -20.14
CA GLU A 52 16.66 -11.51 -19.55
C GLU A 52 16.58 -12.14 -18.18
N ILE A 53 17.43 -13.13 -17.89
CA ILE A 53 17.45 -13.74 -16.56
C ILE A 53 18.94 -13.77 -16.14
N ARG A 54 19.26 -13.05 -15.06
CA ARG A 54 20.64 -12.96 -14.56
C ARG A 54 20.79 -13.70 -13.24
N ASP A 55 21.93 -14.32 -13.04
CA ASP A 55 22.12 -15.00 -11.77
C ASP A 55 23.56 -14.75 -11.35
N SER A 56 23.85 -14.73 -10.05
CA SER A 56 25.24 -14.49 -9.67
C SER A 56 25.92 -15.79 -9.29
N GLY A 57 25.64 -16.80 -10.12
CA GLY A 57 26.20 -18.13 -9.96
C GLY A 57 27.68 -18.18 -10.28
N ILE A 58 28.18 -19.38 -10.53
CA ILE A 58 29.60 -19.58 -10.79
C ILE A 58 30.14 -18.99 -12.09
N GLY A 59 29.26 -18.79 -13.07
CA GLY A 59 29.69 -18.25 -14.36
C GLY A 59 30.46 -19.26 -15.21
N MET A 60 30.93 -18.82 -16.37
CA MET A 60 31.69 -19.69 -17.30
C MET A 60 32.84 -18.91 -17.88
N THR A 61 33.99 -19.56 -18.02
CA THR A 61 35.16 -18.90 -18.63
C THR A 61 35.03 -18.92 -20.15
N LYS A 62 35.95 -18.25 -20.84
CA LYS A 62 35.92 -18.25 -22.30
C LYS A 62 35.97 -19.71 -22.76
N ALA A 63 36.92 -20.47 -22.24
CA ALA A 63 37.07 -21.88 -22.61
C ALA A 63 35.76 -22.65 -22.40
N GLU A 64 35.07 -22.38 -21.28
CA GLU A 64 33.82 -23.10 -21.02
C GLU A 64 32.75 -22.64 -22.01
N LEU A 65 32.76 -21.37 -22.40
CA LEU A 65 31.76 -20.91 -23.38
C LEU A 65 31.97 -21.63 -24.70
N ILE A 66 33.21 -21.62 -25.19
CA ILE A 66 33.52 -22.27 -26.47
C ILE A 66 33.26 -23.78 -26.41
N ASN A 67 33.85 -24.44 -25.42
CA ASN A 67 33.69 -25.89 -25.29
C ASN A 67 32.27 -26.39 -24.97
N ASN A 68 31.61 -25.85 -23.94
CA ASN A 68 30.28 -26.37 -23.60
C ASN A 68 29.14 -25.89 -24.49
N LEU A 69 28.95 -24.58 -24.53
CA LEU A 69 27.88 -23.99 -25.33
C LEU A 69 28.19 -24.09 -26.81
N GLY A 70 29.48 -24.06 -27.13
CA GLY A 70 29.90 -24.16 -28.53
C GLY A 70 29.47 -25.53 -29.03
N THR A 71 29.67 -26.55 -28.21
CA THR A 71 29.30 -27.91 -28.57
C THR A 71 27.77 -28.04 -28.71
N ILE A 72 27.04 -27.38 -27.81
CA ILE A 72 25.60 -27.43 -27.85
C ILE A 72 25.09 -26.82 -29.16
N ALA A 73 25.65 -25.66 -29.51
CA ALA A 73 25.26 -24.99 -30.72
C ALA A 73 25.61 -25.81 -31.96
N LYS A 74 26.81 -26.39 -31.99
CA LYS A 74 27.24 -27.18 -33.13
C LYS A 74 26.44 -28.46 -33.29
N SER A 75 26.14 -29.10 -32.17
CA SER A 75 25.38 -30.33 -32.23
C SER A 75 23.93 -30.04 -32.59
N GLY A 76 23.45 -28.86 -32.20
CA GLY A 76 22.06 -28.48 -32.46
C GLY A 76 21.79 -28.07 -33.90
N THR A 77 21.92 -29.03 -34.79
CA THR A 77 21.70 -28.79 -36.21
C THR A 77 20.27 -28.46 -36.54
N LYS A 78 20.05 -27.97 -37.76
CA LYS A 78 18.69 -27.63 -38.16
C LYS A 78 17.76 -28.85 -38.11
N ALA A 79 18.30 -30.02 -38.42
CA ALA A 79 17.54 -31.26 -38.40
C ALA A 79 17.15 -31.65 -36.97
N PHE A 80 18.13 -31.62 -36.08
CA PHE A 80 17.89 -31.97 -34.69
C PHE A 80 16.81 -31.10 -34.06
N MET A 81 16.96 -29.78 -34.18
CA MET A 81 15.95 -28.88 -33.61
C MET A 81 14.57 -29.16 -34.20
N GLU A 82 14.55 -29.54 -35.46
CA GLU A 82 13.30 -29.84 -36.15
C GLU A 82 12.64 -31.03 -35.46
N ALA A 83 13.43 -32.07 -35.24
CA ALA A 83 12.94 -33.28 -34.59
C ALA A 83 12.43 -32.97 -33.18
N LEU A 84 13.07 -32.00 -32.54
CA LEU A 84 12.70 -31.61 -31.19
C LEU A 84 11.41 -30.80 -31.25
N SER A 85 11.34 -29.93 -32.24
CA SER A 85 10.16 -29.10 -32.42
C SER A 85 8.97 -30.03 -32.61
N ALA A 86 7.94 -29.84 -31.79
CA ALA A 86 6.74 -30.68 -31.82
C ALA A 86 7.14 -32.13 -31.49
N GLY A 87 6.28 -32.81 -30.74
CA GLY A 87 6.54 -34.18 -30.36
C GLY A 87 6.66 -34.27 -28.85
N ALA A 88 7.38 -33.31 -28.26
CA ALA A 88 7.59 -33.25 -26.82
C ALA A 88 7.46 -31.81 -26.34
N ASP A 89 7.28 -30.89 -27.28
CA ASP A 89 7.15 -29.48 -26.96
C ASP A 89 8.34 -28.92 -26.21
N VAL A 90 8.28 -28.95 -24.88
CA VAL A 90 9.35 -28.37 -24.08
C VAL A 90 9.97 -29.16 -22.93
N SER A 91 10.38 -28.37 -21.93
CA SER A 91 11.02 -28.77 -20.70
C SER A 91 12.53 -28.63 -20.81
N MET A 92 13.09 -27.82 -19.92
CA MET A 92 14.52 -27.58 -19.88
C MET A 92 15.13 -28.52 -18.84
N ILE A 93 14.50 -28.58 -17.66
CA ILE A 93 14.98 -29.41 -16.56
C ILE A 93 13.97 -30.51 -16.23
N GLY A 94 14.32 -31.39 -15.29
CA GLY A 94 13.42 -32.45 -14.90
C GLY A 94 13.36 -33.54 -15.95
N GLN A 95 12.68 -34.64 -15.65
CA GLN A 95 12.60 -35.73 -16.62
C GLN A 95 12.03 -35.20 -17.91
N PHE A 96 12.52 -35.72 -19.01
CA PHE A 96 12.16 -35.27 -20.35
C PHE A 96 12.55 -33.81 -20.58
N GLY A 97 13.60 -33.37 -19.89
CA GLY A 97 14.08 -32.02 -20.09
C GLY A 97 15.17 -32.08 -21.17
N VAL A 98 15.38 -31.03 -21.96
CA VAL A 98 16.44 -31.06 -23.01
C VAL A 98 17.47 -29.95 -22.80
N GLY A 99 17.45 -29.40 -21.60
CA GLY A 99 18.40 -28.37 -21.23
C GLY A 99 18.37 -27.15 -22.13
N PHE A 100 19.57 -26.68 -22.47
CA PHE A 100 19.73 -25.47 -23.29
C PHE A 100 18.95 -25.45 -24.61
N TYR A 101 18.76 -26.62 -25.23
CA TYR A 101 18.01 -26.70 -26.49
C TYR A 101 16.61 -26.10 -26.43
N SER A 102 15.94 -26.24 -25.29
CA SER A 102 14.59 -25.70 -25.15
C SER A 102 14.55 -24.18 -25.32
N LEU A 103 15.68 -23.52 -25.11
CA LEU A 103 15.67 -22.06 -25.25
C LEU A 103 15.47 -21.73 -26.72
N PHE A 104 16.04 -22.55 -27.60
CA PHE A 104 15.91 -22.30 -29.03
C PHE A 104 14.49 -22.55 -29.52
N LEU A 105 13.62 -23.05 -28.64
CA LEU A 105 12.23 -23.30 -29.03
C LEU A 105 11.36 -22.06 -28.75
N VAL A 106 11.89 -21.14 -27.93
CA VAL A 106 11.20 -19.91 -27.55
C VAL A 106 11.89 -18.66 -28.12
N ALA A 107 13.13 -18.84 -28.51
CA ALA A 107 13.91 -17.74 -29.01
C ALA A 107 14.72 -18.16 -30.23
N ASP A 108 14.93 -17.23 -31.16
CA ASP A 108 15.72 -17.56 -32.32
C ASP A 108 17.15 -17.11 -32.15
N ARG A 109 17.37 -16.18 -31.24
CA ARG A 109 18.69 -15.67 -30.97
C ARG A 109 18.86 -15.76 -29.46
N VAL A 110 20.04 -16.19 -29.02
CA VAL A 110 20.31 -16.32 -27.59
C VAL A 110 21.70 -15.81 -27.31
N GLN A 111 21.83 -14.98 -26.29
CA GLN A 111 23.12 -14.50 -25.89
C GLN A 111 23.32 -14.95 -24.43
N VAL A 112 24.57 -15.22 -24.08
CA VAL A 112 24.87 -15.64 -22.72
C VAL A 112 26.03 -14.80 -22.34
N ILE A 113 25.79 -13.86 -21.43
CA ILE A 113 26.87 -12.98 -20.97
C ILE A 113 27.42 -13.65 -19.72
N SER A 114 28.74 -13.88 -19.61
CA SER A 114 29.18 -14.60 -18.43
C SER A 114 30.50 -14.12 -17.88
N LYS A 115 30.61 -14.17 -16.55
CA LYS A 115 31.81 -13.74 -15.85
C LYS A 115 32.14 -14.75 -14.77
N SER A 116 33.26 -15.43 -14.94
CA SER A 116 33.72 -16.40 -13.98
C SER A 116 34.90 -15.75 -13.23
N ASN A 117 35.09 -16.11 -11.96
CA ASN A 117 36.20 -15.55 -11.19
C ASN A 117 37.53 -15.81 -11.92
N ASP A 118 37.57 -16.84 -12.75
CA ASP A 118 38.83 -17.15 -13.44
C ASP A 118 39.01 -16.52 -14.81
N ASP A 119 38.13 -15.64 -15.23
CA ASP A 119 38.31 -15.04 -16.56
C ASP A 119 37.62 -13.69 -16.61
N GLU A 120 37.65 -13.07 -17.79
CA GLU A 120 37.04 -11.77 -18.00
C GLU A 120 35.61 -11.94 -18.49
N GLN A 121 34.86 -10.85 -18.66
CA GLN A 121 33.47 -10.94 -19.13
C GLN A 121 33.39 -11.20 -20.62
N TYR A 122 32.61 -12.21 -21.00
CA TYR A 122 32.46 -12.55 -22.40
C TYR A 122 31.01 -12.73 -22.80
N ILE A 123 30.79 -12.69 -24.11
CA ILE A 123 29.46 -12.87 -24.67
C ILE A 123 29.46 -14.03 -25.65
N TRP A 124 28.62 -15.01 -25.37
CA TRP A 124 28.47 -16.16 -26.27
C TRP A 124 27.17 -15.89 -27.01
N GLU A 125 27.09 -16.25 -28.28
CA GLU A 125 25.85 -16.04 -29.01
C GLU A 125 25.66 -17.04 -30.11
N SER A 126 24.40 -17.38 -30.37
CA SER A 126 24.04 -18.28 -31.44
C SER A 126 22.63 -17.93 -31.89
N ASN A 127 22.38 -18.15 -33.17
CA ASN A 127 21.09 -17.89 -33.84
C ASN A 127 20.45 -19.22 -34.24
N ALA A 128 19.64 -19.80 -33.37
CA ALA A 128 18.99 -21.09 -33.65
C ALA A 128 20.02 -22.19 -33.86
N GLY A 129 21.07 -22.17 -33.04
CA GLY A 129 22.12 -23.17 -33.17
C GLY A 129 22.86 -23.06 -34.50
N GLY A 130 23.56 -24.14 -34.87
CA GLY A 130 24.33 -24.17 -36.10
C GLY A 130 25.76 -23.70 -35.82
N SER A 131 25.94 -22.38 -35.73
CA SER A 131 27.22 -21.74 -35.45
C SER A 131 27.08 -20.89 -34.17
N PHE A 132 28.19 -20.36 -33.66
CA PHE A 132 28.14 -19.54 -32.45
C PHE A 132 29.35 -18.66 -32.44
N THR A 133 29.32 -17.61 -31.61
CA THR A 133 30.44 -16.70 -31.47
C THR A 133 30.73 -16.49 -29.98
N VAL A 134 31.90 -15.97 -29.68
CA VAL A 134 32.29 -15.66 -28.31
C VAL A 134 33.14 -14.44 -28.44
N THR A 135 32.80 -13.38 -27.70
CA THR A 135 33.60 -12.19 -27.83
C THR A 135 33.69 -11.48 -26.51
N LEU A 136 34.80 -10.77 -26.34
CA LEU A 136 35.07 -10.03 -25.12
C LEU A 136 33.95 -8.99 -25.03
N ASP A 137 33.34 -8.88 -23.87
CA ASP A 137 32.24 -7.96 -23.68
C ASP A 137 32.71 -6.52 -23.43
N GLU A 138 32.32 -5.62 -24.32
CA GLU A 138 32.70 -4.20 -24.23
C GLU A 138 31.43 -3.34 -24.43
N VAL A 139 30.26 -3.96 -24.29
CA VAL A 139 29.00 -3.25 -24.48
C VAL A 139 27.99 -3.33 -23.31
N ASN A 140 27.96 -4.43 -22.57
CA ASN A 140 27.01 -4.54 -21.48
C ASN A 140 27.54 -4.10 -20.14
N GLU A 141 26.64 -4.15 -19.16
CA GLU A 141 27.01 -3.80 -17.80
C GLU A 141 28.00 -4.86 -17.33
N ARG A 142 28.96 -4.42 -16.52
CA ARG A 142 29.97 -5.28 -15.90
C ARG A 142 29.29 -6.03 -14.74
N ILE A 143 29.42 -7.35 -14.68
CA ILE A 143 28.79 -8.08 -13.57
C ILE A 143 29.87 -8.62 -12.66
N GLY A 144 29.62 -8.61 -11.35
CA GLY A 144 30.62 -9.14 -10.42
C GLY A 144 30.96 -10.61 -10.67
N ARG A 145 29.95 -11.40 -10.98
CA ARG A 145 30.11 -12.82 -11.24
C ARG A 145 28.77 -13.35 -11.69
N GLY A 146 28.79 -14.39 -12.52
CA GLY A 146 27.52 -14.99 -12.92
C GLY A 146 27.24 -14.97 -14.40
N THR A 147 25.96 -14.94 -14.72
CA THR A 147 25.54 -14.97 -16.10
C THR A 147 24.26 -14.19 -16.37
N ILE A 148 24.17 -13.58 -17.54
CA ILE A 148 22.95 -12.91 -17.96
C ILE A 148 22.55 -13.70 -19.19
N LEU A 149 21.42 -14.40 -19.13
CA LEU A 149 20.97 -15.18 -20.25
C LEU A 149 19.94 -14.27 -20.92
N ARG A 150 20.17 -13.94 -22.18
CA ARG A 150 19.30 -13.02 -22.91
C ARG A 150 18.65 -13.74 -24.08
N LEU A 151 17.33 -13.85 -24.01
CA LEU A 151 16.56 -14.54 -25.04
C LEU A 151 15.83 -13.55 -25.92
N PHE A 152 16.12 -13.59 -27.21
CA PHE A 152 15.41 -12.75 -28.17
C PHE A 152 14.26 -13.65 -28.61
N LEU A 153 13.11 -13.36 -28.02
CA LEU A 153 11.92 -14.14 -28.22
C LEU A 153 11.39 -14.15 -29.63
N LYS A 154 10.82 -15.26 -30.03
CA LYS A 154 10.23 -15.41 -31.36
C LYS A 154 8.95 -14.59 -31.32
N ASP A 155 8.57 -14.02 -32.46
CA ASP A 155 7.37 -13.18 -32.57
C ASP A 155 6.09 -13.76 -32.01
N ASP A 156 5.95 -15.09 -32.00
CA ASP A 156 4.73 -15.71 -31.49
C ASP A 156 4.83 -16.11 -30.02
N GLN A 157 5.92 -15.70 -29.36
CA GLN A 157 6.16 -16.06 -27.96
C GLN A 157 6.40 -14.85 -27.06
N LEU A 158 5.86 -13.71 -27.46
CA LEU A 158 6.05 -12.46 -26.73
C LEU A 158 5.41 -12.34 -25.34
N GLU A 159 4.54 -13.29 -25.00
CA GLU A 159 3.89 -13.25 -23.71
C GLU A 159 4.88 -13.37 -22.56
N TYR A 160 6.10 -13.77 -22.89
CA TYR A 160 7.13 -13.90 -21.88
C TYR A 160 7.57 -12.54 -21.39
N LEU A 161 7.15 -11.46 -22.06
CA LEU A 161 7.53 -10.12 -21.61
C LEU A 161 6.55 -9.53 -20.60
N GLU A 162 5.40 -10.17 -20.46
CA GLU A 162 4.35 -9.71 -19.57
C GLU A 162 4.75 -9.66 -18.08
N GLU A 163 4.87 -8.45 -17.54
CA GLU A 163 5.27 -8.26 -16.13
C GLU A 163 4.33 -8.91 -15.13
N LYS A 164 3.03 -8.77 -15.35
CA LYS A 164 2.09 -9.35 -14.44
C LYS A 164 2.23 -10.87 -14.41
N ARG A 165 2.44 -11.49 -15.56
CA ARG A 165 2.61 -12.96 -15.57
C ARG A 165 3.82 -13.36 -14.74
N ILE A 166 4.94 -12.70 -14.99
CA ILE A 166 6.18 -12.99 -14.28
C ILE A 166 6.05 -12.81 -12.76
N LYS A 167 5.37 -11.75 -12.33
CA LYS A 167 5.21 -11.54 -10.89
C LYS A 167 4.46 -12.68 -10.23
N GLU A 168 3.39 -13.17 -10.86
CA GLU A 168 2.62 -14.27 -10.28
C GLU A 168 3.51 -15.53 -10.18
N VAL A 169 4.38 -15.73 -11.16
CA VAL A 169 5.30 -16.88 -11.16
C VAL A 169 6.25 -16.85 -9.98
N ILE A 170 6.96 -15.73 -9.82
CA ILE A 170 7.94 -15.61 -8.74
C ILE A 170 7.25 -15.61 -7.39
N LYS A 171 6.00 -15.19 -7.40
CA LYS A 171 5.23 -15.15 -6.18
C LYS A 171 4.95 -16.54 -5.58
N ARG A 172 4.73 -17.54 -6.44
CA ARG A 172 4.43 -18.88 -5.94
C ARG A 172 5.59 -19.85 -6.10
N HIS A 173 6.70 -19.37 -6.66
CA HIS A 173 7.87 -20.21 -6.89
C HIS A 173 9.02 -19.83 -5.99
N SER A 174 8.88 -18.72 -5.28
CA SER A 174 9.98 -18.31 -4.44
C SER A 174 10.06 -19.16 -3.19
N GLU A 175 9.20 -20.15 -3.08
CA GLU A 175 9.22 -21.02 -1.92
C GLU A 175 9.86 -22.33 -2.33
N PHE A 176 10.20 -22.46 -3.61
CA PHE A 176 10.87 -23.68 -4.11
C PHE A 176 12.31 -23.39 -4.47
N VAL A 177 12.71 -22.14 -4.30
CA VAL A 177 14.07 -21.70 -4.60
C VAL A 177 14.64 -21.02 -3.35
N ALA A 178 15.85 -21.43 -2.99
CA ALA A 178 16.57 -20.95 -1.82
C ALA A 178 17.15 -19.53 -1.94
N TYR A 179 16.95 -18.90 -3.10
CA TYR A 179 17.48 -17.56 -3.36
C TYR A 179 16.36 -16.57 -3.77
N PRO A 180 16.55 -15.28 -3.50
CA PRO A 180 15.51 -14.31 -3.89
C PRO A 180 15.41 -14.23 -5.40
N ILE A 181 14.19 -14.11 -5.91
CA ILE A 181 13.93 -14.01 -7.34
C ILE A 181 13.43 -12.59 -7.48
N GLN A 182 14.17 -11.76 -8.20
CA GLN A 182 13.81 -10.37 -8.37
C GLN A 182 13.33 -10.10 -9.79
N LEU A 183 12.45 -9.11 -9.92
CA LEU A 183 11.93 -8.72 -11.22
C LEU A 183 12.21 -7.24 -11.43
N VAL A 184 12.71 -6.88 -12.59
CA VAL A 184 12.93 -5.47 -12.91
C VAL A 184 11.66 -4.91 -13.55
N VAL A 185 11.06 -3.91 -12.91
CA VAL A 185 9.84 -3.32 -13.43
C VAL A 185 10.15 -2.04 -14.22
N THR A 186 9.85 -2.06 -15.52
CA THR A 186 10.09 -0.88 -16.36
C THR A 186 8.79 -0.16 -16.66
N ILE B 5 -8.59 8.13 20.09
CA ILE B 5 -9.94 7.54 20.31
C ILE B 5 -11.01 8.62 20.51
N PHE B 6 -10.66 9.65 21.28
CA PHE B 6 -11.58 10.75 21.58
C PHE B 6 -11.95 11.49 20.30
N LEU B 7 -10.94 11.84 19.51
CA LEU B 7 -11.18 12.54 18.25
C LEU B 7 -12.06 11.65 17.40
N ARG B 8 -11.72 10.38 17.33
CA ARG B 8 -12.48 9.42 16.55
C ARG B 8 -13.92 9.37 17.02
N GLU B 9 -14.11 9.38 18.33
CA GLU B 9 -15.46 9.31 18.84
C GLU B 9 -16.23 10.60 18.58
N LEU B 10 -15.53 11.72 18.60
CA LEU B 10 -16.19 12.98 18.34
C LEU B 10 -16.67 12.95 16.87
N ILE B 11 -15.83 12.42 16.00
CA ILE B 11 -16.19 12.35 14.60
C ILE B 11 -17.38 11.42 14.36
N SER B 12 -17.33 10.21 14.91
CA SER B 12 -18.46 9.32 14.68
C SER B 12 -19.73 9.88 15.30
N ASN B 13 -19.57 10.65 16.38
CA ASN B 13 -20.78 11.22 16.98
C ASN B 13 -21.40 12.28 16.08
N ALA B 14 -20.58 13.13 15.50
CA ALA B 14 -21.07 14.17 14.59
C ALA B 14 -21.80 13.49 13.42
N SER B 15 -21.25 12.36 13.00
CA SER B 15 -21.82 11.58 11.91
C SER B 15 -23.31 11.23 12.19
N ASP B 16 -23.65 10.89 13.44
CA ASP B 16 -25.05 10.54 13.74
C ASP B 16 -26.02 11.68 13.51
N ALA B 17 -25.53 12.92 13.63
CA ALA B 17 -26.38 14.07 13.40
C ALA B 17 -26.73 14.13 11.91
N LEU B 18 -25.78 13.72 11.07
CA LEU B 18 -26.00 13.70 9.63
C LEU B 18 -26.96 12.56 9.26
N ASP B 19 -26.84 11.42 9.94
CA ASP B 19 -27.77 10.32 9.65
C ASP B 19 -29.18 10.84 9.97
N LYS B 20 -29.32 11.61 11.04
CA LYS B 20 -30.63 12.11 11.46
C LYS B 20 -31.31 12.97 10.37
N ILE B 21 -30.56 13.93 9.84
CA ILE B 21 -31.13 14.79 8.81
C ILE B 21 -31.38 13.97 7.54
N ARG B 22 -30.51 12.99 7.25
CA ARG B 22 -30.74 12.16 6.06
C ARG B 22 -32.02 11.33 6.21
N TYR B 23 -32.28 10.83 7.42
CA TYR B 23 -33.49 10.06 7.65
C TYR B 23 -34.70 10.91 7.30
N LYS B 24 -34.66 12.18 7.66
CA LYS B 24 -35.81 13.03 7.34
C LYS B 24 -35.90 13.32 5.85
N SER B 25 -34.74 13.44 5.18
CA SER B 25 -34.74 13.76 3.76
C SER B 25 -35.28 12.59 2.94
N LEU B 26 -35.28 11.40 3.55
CA LEU B 26 -35.78 10.18 2.91
C LEU B 26 -37.25 10.36 2.54
N SER B 27 -38.00 11.08 3.36
CA SER B 27 -39.41 11.31 3.05
C SER B 27 -39.61 12.69 2.45
N ASP B 28 -38.77 13.64 2.84
CA ASP B 28 -38.91 14.97 2.29
C ASP B 28 -37.56 15.60 1.91
N PRO B 29 -37.11 15.37 0.66
CA PRO B 29 -35.84 15.88 0.16
C PRO B 29 -35.57 17.35 0.46
N LYS B 30 -36.65 18.12 0.65
CA LYS B 30 -36.58 19.56 0.94
C LYS B 30 -35.84 19.84 2.26
N GLN B 31 -35.79 18.84 3.13
CA GLN B 31 -35.14 18.97 4.41
C GLN B 31 -33.66 19.24 4.25
N LEU B 32 -33.06 18.76 3.16
CA LEU B 32 -31.61 18.98 2.91
C LEU B 32 -31.26 20.32 2.28
N GLU B 33 -32.23 20.94 1.60
CA GLU B 33 -31.99 22.21 0.90
C GLU B 33 -31.46 23.37 1.68
N THR B 34 -31.63 23.37 2.99
CA THR B 34 -31.10 24.49 3.77
C THR B 34 -29.58 24.39 3.78
N GLU B 35 -29.07 23.18 3.54
CA GLU B 35 -27.61 22.93 3.51
C GLU B 35 -27.43 21.59 2.83
N PRO B 36 -27.24 21.59 1.50
CA PRO B 36 -27.06 20.35 0.74
C PRO B 36 -25.67 19.71 0.91
N ASP B 37 -24.73 20.46 1.51
CA ASP B 37 -23.36 19.97 1.72
C ASP B 37 -23.32 19.17 3.05
N LEU B 38 -23.18 17.84 2.99
CA LEU B 38 -23.12 17.00 4.21
C LEU B 38 -21.63 16.75 4.53
N PHE B 39 -21.18 17.27 5.67
CA PHE B 39 -19.76 17.15 6.03
C PHE B 39 -19.55 17.20 7.53
N ILE B 40 -18.30 16.91 7.93
CA ILE B 40 -17.89 16.99 9.34
C ILE B 40 -16.61 17.77 9.18
N ARG B 41 -16.46 18.87 9.90
CA ARG B 41 -15.28 19.73 9.73
C ARG B 41 -14.67 20.06 11.07
N ILE B 42 -13.39 19.77 11.23
CA ILE B 42 -12.71 20.03 12.49
C ILE B 42 -11.87 21.28 12.35
N THR B 43 -11.96 22.18 13.34
CA THR B 43 -11.17 23.43 13.29
C THR B 43 -10.42 23.80 14.57
N PRO B 44 -9.12 23.52 14.61
CA PRO B 44 -8.33 23.84 15.79
C PRO B 44 -8.08 25.34 15.78
N LYS B 45 -8.22 25.94 16.95
CA LYS B 45 -7.98 27.37 17.15
C LYS B 45 -6.98 27.48 18.29
N PRO B 46 -5.69 27.25 17.98
CA PRO B 46 -4.59 27.31 18.97
C PRO B 46 -4.55 28.53 19.89
N GLU B 47 -4.68 29.72 19.31
CA GLU B 47 -4.64 30.95 20.11
C GLU B 47 -5.70 30.96 21.21
N GLN B 48 -6.92 30.54 20.85
CA GLN B 48 -8.02 30.53 21.79
C GLN B 48 -8.17 29.20 22.53
N LYS B 49 -7.18 28.32 22.38
CA LYS B 49 -7.23 27.00 23.02
C LYS B 49 -8.59 26.33 22.80
N VAL B 50 -9.12 26.46 21.59
CA VAL B 50 -10.40 25.89 21.25
C VAL B 50 -10.33 24.81 20.18
N LEU B 51 -11.16 23.80 20.32
CA LEU B 51 -11.26 22.75 19.29
C LEU B 51 -12.73 22.81 18.86
N GLU B 52 -12.96 23.02 17.57
CA GLU B 52 -14.30 23.10 17.00
C GLU B 52 -14.61 21.91 16.10
N ILE B 53 -15.80 21.33 16.22
CA ILE B 53 -16.18 20.26 15.30
C ILE B 53 -17.56 20.67 14.77
N ARG B 54 -17.65 20.89 13.47
CA ARG B 54 -18.92 21.31 12.85
C ARG B 54 -19.50 20.22 11.94
N ASP B 55 -20.83 20.07 11.96
CA ASP B 55 -21.46 19.09 11.09
C ASP B 55 -22.68 19.75 10.52
N SER B 56 -23.10 19.35 9.32
CA SER B 56 -24.28 19.98 8.73
C SER B 56 -25.48 19.05 8.94
N GLY B 57 -25.52 18.44 10.13
CA GLY B 57 -26.60 17.53 10.48
C GLY B 57 -27.96 18.18 10.72
N ILE B 58 -28.83 17.50 11.45
CA ILE B 58 -30.17 18.01 11.69
C ILE B 58 -30.25 19.23 12.62
N GLY B 59 -29.25 19.45 13.47
CA GLY B 59 -29.27 20.61 14.34
C GLY B 59 -30.28 20.52 15.47
N MET B 60 -30.38 21.56 16.30
CA MET B 60 -31.29 21.54 17.44
C MET B 60 -31.98 22.88 17.60
N THR B 61 -33.28 22.86 17.90
CA THR B 61 -34.03 24.09 18.09
C THR B 61 -33.77 24.62 19.48
N LYS B 62 -34.34 25.78 19.79
CA LYS B 62 -34.15 26.36 21.11
C LYS B 62 -34.74 25.42 22.16
N ALA B 63 -35.98 25.00 21.93
CA ALA B 63 -36.68 24.10 22.85
C ALA B 63 -35.86 22.85 23.14
N GLU B 64 -35.22 22.35 22.09
CA GLU B 64 -34.41 21.15 22.19
C GLU B 64 -33.17 21.43 23.03
N LEU B 65 -32.52 22.55 22.78
CA LEU B 65 -31.33 22.91 23.52
C LEU B 65 -31.70 23.06 24.99
N ILE B 66 -32.83 23.72 25.25
CA ILE B 66 -33.29 23.93 26.63
C ILE B 66 -33.74 22.66 27.33
N ASN B 67 -34.72 21.97 26.77
CA ASN B 67 -35.24 20.75 27.36
C ASN B 67 -34.43 19.44 27.23
N ASN B 68 -33.47 19.42 26.30
CA ASN B 68 -32.66 18.22 26.09
C ASN B 68 -31.27 18.31 26.68
N LEU B 69 -30.44 19.16 26.09
CA LEU B 69 -29.10 19.36 26.57
C LEU B 69 -29.16 20.02 27.94
N GLY B 70 -30.24 20.77 28.14
CA GLY B 70 -30.48 21.47 29.39
C GLY B 70 -30.68 20.46 30.51
N THR B 71 -31.44 19.41 30.22
CA THR B 71 -31.68 18.38 31.21
C THR B 71 -30.33 17.70 31.48
N ILE B 72 -29.59 17.42 30.42
CA ILE B 72 -28.26 16.82 30.56
C ILE B 72 -27.42 17.62 31.55
N ALA B 73 -27.33 18.92 31.31
CA ALA B 73 -26.54 19.81 32.15
C ALA B 73 -27.00 19.80 33.62
N LYS B 74 -28.30 20.01 33.83
CA LYS B 74 -28.83 20.06 35.20
C LYS B 74 -28.59 18.75 35.93
N SER B 75 -28.85 17.62 35.25
CA SER B 75 -28.65 16.32 35.86
C SER B 75 -27.18 16.07 36.13
N GLY B 76 -26.31 16.68 35.32
CA GLY B 76 -24.88 16.51 35.48
C GLY B 76 -24.26 17.34 36.60
N THR B 77 -24.72 17.10 37.82
CA THR B 77 -24.23 17.82 39.01
C THR B 77 -22.73 17.65 39.24
N LYS B 78 -22.17 18.53 40.08
CA LYS B 78 -20.74 18.45 40.36
C LYS B 78 -20.44 17.11 41.02
N ALA B 79 -21.42 16.59 41.75
CA ALA B 79 -21.27 15.32 42.45
C ALA B 79 -21.15 14.18 41.43
N PHE B 80 -22.04 14.21 40.44
CA PHE B 80 -22.11 13.21 39.37
C PHE B 80 -20.84 13.18 38.51
N MET B 81 -20.39 14.36 38.07
CA MET B 81 -19.18 14.45 37.26
C MET B 81 -18.02 13.87 38.06
N GLU B 82 -17.99 14.15 39.37
CA GLU B 82 -16.93 13.64 40.24
C GLU B 82 -16.89 12.13 40.20
N ALA B 83 -18.04 11.52 40.45
CA ALA B 83 -18.14 10.06 40.44
C ALA B 83 -17.74 9.51 39.07
N LEU B 84 -18.22 10.16 38.01
CA LEU B 84 -17.93 9.73 36.66
C LEU B 84 -16.42 9.73 36.39
N SER B 85 -15.75 10.79 36.82
CA SER B 85 -14.31 10.93 36.61
C SER B 85 -13.48 10.00 37.50
N ALA B 86 -14.14 9.35 38.45
CA ALA B 86 -13.45 8.43 39.35
C ALA B 86 -12.68 7.41 38.53
N GLY B 87 -13.42 6.52 37.86
CA GLY B 87 -12.80 5.50 37.03
C GLY B 87 -12.08 6.12 35.86
N ALA B 88 -11.79 5.32 34.84
CA ALA B 88 -11.10 5.84 33.66
C ALA B 88 -12.08 6.62 32.79
N ASP B 89 -11.64 7.77 32.28
CA ASP B 89 -12.50 8.57 31.41
C ASP B 89 -12.74 7.73 30.17
N VAL B 90 -13.82 6.96 30.14
CA VAL B 90 -14.03 6.11 28.97
C VAL B 90 -15.31 6.28 28.15
N SER B 91 -15.08 6.41 26.85
CA SER B 91 -16.08 6.53 25.79
C SER B 91 -17.28 7.46 25.94
N MET B 92 -17.83 7.81 24.78
CA MET B 92 -19.03 8.63 24.68
C MET B 92 -20.00 7.67 24.00
N ILE B 93 -19.57 7.07 22.89
CA ILE B 93 -20.39 6.09 22.19
C ILE B 93 -19.75 4.75 22.46
N GLY B 94 -20.19 3.72 21.74
CA GLY B 94 -19.68 2.39 21.98
C GLY B 94 -20.57 2.07 23.15
N GLN B 95 -20.12 1.26 24.10
CA GLN B 95 -20.99 1.02 25.25
C GLN B 95 -20.28 1.80 26.32
N PHE B 96 -20.65 1.60 27.58
CA PHE B 96 -20.03 2.34 28.66
C PHE B 96 -19.76 3.78 28.22
N GLY B 97 -20.57 4.25 27.28
CA GLY B 97 -20.45 5.61 26.78
C GLY B 97 -21.37 6.49 27.60
N VAL B 98 -20.87 7.63 28.06
CA VAL B 98 -21.65 8.56 28.89
C VAL B 98 -22.22 9.70 28.06
N GLY B 99 -21.95 9.64 26.75
CA GLY B 99 -22.45 10.66 25.84
C GLY B 99 -21.88 12.05 26.07
N PHE B 100 -22.76 13.04 26.09
CA PHE B 100 -22.35 14.43 26.26
C PHE B 100 -21.51 14.66 27.52
N TYR B 101 -21.80 13.92 28.58
CA TYR B 101 -21.06 14.10 29.82
C TYR B 101 -19.55 13.99 29.63
N SER B 102 -19.14 13.13 28.71
CA SER B 102 -17.73 12.92 28.41
C SER B 102 -16.98 14.19 28.01
N LEU B 103 -17.68 15.14 27.41
CA LEU B 103 -17.06 16.39 26.97
C LEU B 103 -16.58 17.21 28.15
N PHE B 104 -17.35 17.17 29.23
CA PHE B 104 -17.00 17.90 30.42
C PHE B 104 -15.78 17.28 31.07
N LEU B 105 -15.23 16.25 30.45
CA LEU B 105 -14.04 15.59 30.96
C LEU B 105 -12.79 16.02 30.20
N VAL B 106 -12.95 16.94 29.24
CA VAL B 106 -11.82 17.42 28.46
C VAL B 106 -11.95 18.93 28.26
N ALA B 107 -13.12 19.45 28.60
CA ALA B 107 -13.38 20.87 28.46
C ALA B 107 -14.10 21.40 29.67
N ASP B 108 -13.63 22.52 30.20
CA ASP B 108 -14.25 23.14 31.35
C ASP B 108 -15.43 23.99 30.88
N ARG B 109 -15.40 24.39 29.62
CA ARG B 109 -16.47 25.23 29.08
C ARG B 109 -16.87 24.69 27.70
N VAL B 110 -18.14 24.35 27.51
CA VAL B 110 -18.57 23.81 26.23
C VAL B 110 -19.63 24.70 25.57
N GLN B 111 -19.49 24.94 24.27
CA GLN B 111 -20.49 25.71 23.57
C GLN B 111 -21.08 24.86 22.47
N VAL B 112 -22.39 24.99 22.29
CA VAL B 112 -23.08 24.25 21.25
C VAL B 112 -23.84 25.29 20.45
N ILE B 113 -23.35 25.60 19.25
CA ILE B 113 -23.96 26.55 18.34
C ILE B 113 -24.80 25.71 17.38
N SER B 114 -26.10 25.92 17.31
CA SER B 114 -26.89 25.07 16.45
C SER B 114 -28.01 25.75 15.69
N LYS B 115 -28.29 25.21 14.50
CA LYS B 115 -29.35 25.72 13.61
C LYS B 115 -30.15 24.55 13.08
N SER B 116 -31.41 24.45 13.49
CA SER B 116 -32.27 23.39 13.00
C SER B 116 -33.19 24.06 11.96
N ASN B 117 -33.67 23.29 11.00
CA ASN B 117 -34.57 23.86 9.96
C ASN B 117 -35.80 24.54 10.59
N ASP B 118 -36.17 24.08 11.78
CA ASP B 118 -37.34 24.60 12.49
C ASP B 118 -37.13 25.81 13.40
N ASP B 119 -35.91 26.34 13.49
CA ASP B 119 -35.67 27.47 14.39
C ASP B 119 -34.48 28.30 13.94
N GLU B 120 -34.22 29.39 14.65
CA GLU B 120 -33.11 30.30 14.33
C GLU B 120 -31.86 29.73 14.99
N GLN B 121 -30.73 30.39 14.76
CA GLN B 121 -29.47 29.96 15.34
C GLN B 121 -29.31 30.44 16.78
N TYR B 122 -28.99 29.48 17.65
CA TYR B 122 -28.79 29.70 19.08
C TYR B 122 -27.42 29.20 19.54
N ILE B 123 -26.98 29.75 20.67
CA ILE B 123 -25.75 29.34 21.30
C ILE B 123 -26.07 28.80 22.68
N TRP B 124 -25.78 27.52 22.93
CA TRP B 124 -26.01 26.89 24.24
C TRP B 124 -24.64 26.76 24.86
N GLU B 125 -24.52 27.02 26.17
CA GLU B 125 -23.24 26.94 26.84
C GLU B 125 -23.33 26.43 28.27
N SER B 126 -22.24 25.83 28.74
CA SER B 126 -22.18 25.33 30.10
C SER B 126 -20.74 25.09 30.52
N ASN B 127 -20.35 25.65 31.67
CA ASN B 127 -18.99 25.46 32.21
C ASN B 127 -19.01 24.15 32.99
N ALA B 128 -19.98 24.03 33.88
CA ALA B 128 -20.14 22.82 34.69
C ALA B 128 -21.37 22.96 35.58
N GLY B 129 -21.45 22.08 36.57
CA GLY B 129 -22.57 22.10 37.50
C GLY B 129 -23.86 21.79 36.79
N GLY B 130 -24.97 21.96 37.50
CA GLY B 130 -26.27 21.70 36.91
C GLY B 130 -26.88 22.97 36.36
N SER B 131 -26.08 23.75 35.63
CA SER B 131 -26.55 25.00 35.05
C SER B 131 -26.05 25.18 33.61
N PHE B 132 -26.76 25.98 32.83
CA PHE B 132 -26.40 26.20 31.45
C PHE B 132 -27.07 27.47 30.98
N THR B 133 -26.70 27.94 29.80
CA THR B 133 -27.29 29.14 29.29
C THR B 133 -27.64 28.97 27.83
N VAL B 134 -28.58 29.77 27.38
CA VAL B 134 -28.99 29.75 26.00
C VAL B 134 -29.18 31.20 25.55
N THR B 135 -28.76 31.50 24.32
CA THR B 135 -28.98 32.84 23.80
C THR B 135 -28.99 32.84 22.28
N LEU B 136 -29.78 33.74 21.69
CA LEU B 136 -29.80 33.83 20.24
C LEU B 136 -28.36 34.16 19.85
N ASP B 137 -27.90 33.58 18.75
CA ASP B 137 -26.53 33.76 18.32
C ASP B 137 -26.33 35.07 17.58
N GLU B 138 -25.53 35.97 18.13
CA GLU B 138 -25.36 37.22 17.41
C GLU B 138 -23.89 37.53 17.17
N VAL B 139 -23.06 36.50 17.29
CA VAL B 139 -21.62 36.70 17.13
C VAL B 139 -20.88 35.68 16.23
N ASN B 140 -21.43 34.50 16.04
CA ASN B 140 -20.73 33.52 15.23
C ASN B 140 -21.13 33.58 13.78
N GLU B 141 -20.40 32.82 12.98
CA GLU B 141 -20.71 32.73 11.57
C GLU B 141 -22.11 32.12 11.50
N ARG B 142 -22.82 32.45 10.43
CA ARG B 142 -24.18 31.95 10.19
C ARG B 142 -24.11 30.59 9.45
N ILE B 143 -24.72 29.54 9.98
CA ILE B 143 -24.66 28.28 9.28
C ILE B 143 -26.03 27.89 8.71
N GLY B 144 -26.04 27.26 7.53
CA GLY B 144 -27.31 26.88 6.92
C GLY B 144 -28.07 25.86 7.75
N ARG B 145 -27.35 24.90 8.34
CA ARG B 145 -27.97 23.88 9.19
C ARG B 145 -26.89 23.07 9.88
N GLY B 146 -27.18 22.62 11.10
CA GLY B 146 -26.23 21.80 11.84
C GLY B 146 -25.78 22.32 13.16
N THR B 147 -24.58 21.89 13.54
CA THR B 147 -24.02 22.27 14.83
C THR B 147 -22.53 22.48 14.87
N ILE B 148 -22.10 23.51 15.59
CA ILE B 148 -20.68 23.74 15.80
C ILE B 148 -20.52 23.44 17.30
N LEU B 149 -19.72 22.43 17.60
CA LEU B 149 -19.45 22.07 19.00
C LEU B 149 -18.10 22.73 19.28
N ARG B 150 -18.09 23.65 20.23
CA ARG B 150 -16.89 24.40 20.56
C ARG B 150 -16.36 23.98 21.92
N LEU B 151 -15.21 23.34 21.91
CA LEU B 151 -14.62 22.85 23.14
C LEU B 151 -13.51 23.76 23.63
N PHE B 152 -13.70 24.34 24.81
CA PHE B 152 -12.65 25.18 25.38
C PHE B 152 -11.84 24.15 26.19
N LEU B 153 -10.82 23.60 25.55
CA LEU B 153 -9.97 22.58 26.17
C LEU B 153 -9.11 23.06 27.34
N LYS B 154 -8.80 22.15 28.25
CA LYS B 154 -7.97 22.44 29.42
C LYS B 154 -6.49 22.50 29.02
N ASP B 155 -5.63 22.89 29.95
CA ASP B 155 -4.19 23.01 29.68
C ASP B 155 -3.52 21.67 29.47
N ASP B 156 -4.10 20.60 29.98
CA ASP B 156 -3.54 19.29 29.82
C ASP B 156 -4.28 18.53 28.72
N GLN B 157 -4.88 19.28 27.79
CA GLN B 157 -5.62 18.68 26.68
C GLN B 157 -5.40 19.48 25.41
N LEU B 158 -4.37 20.32 25.40
CA LEU B 158 -4.07 21.14 24.24
C LEU B 158 -3.61 20.33 23.03
N GLU B 159 -3.16 19.10 23.28
CA GLU B 159 -2.67 18.27 22.19
C GLU B 159 -3.72 18.06 21.11
N TYR B 160 -4.97 18.31 21.45
CA TYR B 160 -6.06 18.14 20.49
C TYR B 160 -6.05 19.17 19.38
N LEU B 161 -5.18 20.17 19.51
CA LEU B 161 -5.06 21.24 18.53
C LEU B 161 -4.02 20.94 17.46
N GLU B 162 -3.21 19.92 17.72
CA GLU B 162 -2.14 19.55 16.79
C GLU B 162 -2.68 19.09 15.45
N GLU B 163 -2.46 19.89 14.41
CA GLU B 163 -2.93 19.55 13.06
C GLU B 163 -2.39 18.20 12.63
N LYS B 164 -1.14 17.91 12.99
CA LYS B 164 -0.51 16.65 12.65
C LYS B 164 -1.36 15.47 13.15
N ARG B 165 -1.74 15.53 14.42
CA ARG B 165 -2.55 14.49 15.05
C ARG B 165 -3.94 14.39 14.43
N ILE B 166 -4.56 15.53 14.16
CA ILE B 166 -5.90 15.52 13.58
C ILE B 166 -5.88 14.90 12.18
N LYS B 167 -4.85 15.21 11.41
CA LYS B 167 -4.72 14.66 10.06
C LYS B 167 -4.55 13.15 10.09
N GLU B 168 -3.76 12.63 11.03
CA GLU B 168 -3.58 11.18 11.04
C GLU B 168 -4.91 10.53 11.37
N VAL B 169 -5.63 11.12 12.34
CA VAL B 169 -6.89 10.58 12.76
C VAL B 169 -7.89 10.54 11.62
N ILE B 170 -8.05 11.68 10.97
CA ILE B 170 -8.97 11.77 9.84
C ILE B 170 -8.59 10.75 8.75
N LYS B 171 -7.30 10.61 8.47
CA LYS B 171 -6.95 9.67 7.41
C LYS B 171 -7.40 8.24 7.74
N ARG B 172 -7.13 7.78 8.95
CA ARG B 172 -7.54 6.43 9.32
C ARG B 172 -9.04 6.27 9.56
N HIS B 173 -9.67 7.29 10.15
CA HIS B 173 -11.10 7.19 10.44
C HIS B 173 -12.06 7.45 9.28
N SER B 174 -11.57 7.96 8.17
CA SER B 174 -12.46 8.22 7.02
C SER B 174 -13.16 6.97 6.54
N GLU B 175 -12.52 5.83 6.72
CA GLU B 175 -13.12 4.59 6.25
C GLU B 175 -14.27 4.11 7.14
N PHE B 176 -14.44 4.75 8.31
CA PHE B 176 -15.51 4.38 9.24
C PHE B 176 -16.70 5.36 9.31
N VAL B 177 -16.69 6.39 8.47
CA VAL B 177 -17.77 7.39 8.48
C VAL B 177 -18.22 7.62 7.04
N ALA B 178 -19.53 7.61 6.82
CA ALA B 178 -20.07 7.77 5.47
C ALA B 178 -19.97 9.17 4.89
N TYR B 179 -19.49 10.12 5.69
CA TYR B 179 -19.38 11.52 5.27
C TYR B 179 -17.95 12.02 5.26
N PRO B 180 -17.65 12.95 4.36
CA PRO B 180 -16.28 13.45 4.32
C PRO B 180 -15.94 14.25 5.59
N ILE B 181 -14.71 14.09 6.06
CA ILE B 181 -14.22 14.80 7.25
C ILE B 181 -13.18 15.76 6.70
N GLN B 182 -13.19 17.01 7.16
CA GLN B 182 -12.23 17.99 6.68
C GLN B 182 -11.55 18.68 7.85
N LEU B 183 -10.28 19.04 7.68
CA LEU B 183 -9.56 19.79 8.70
C LEU B 183 -9.43 21.14 8.02
N VAL B 184 -10.04 22.15 8.62
CA VAL B 184 -10.06 23.51 8.05
C VAL B 184 -9.51 24.54 9.02
N VAL B 185 -8.63 25.42 8.54
CA VAL B 185 -8.04 26.45 9.39
C VAL B 185 -8.12 27.83 8.72
#